data_2OU2
#
_entry.id   2OU2
#
_cell.length_a   107.632
_cell.length_b   107.632
_cell.length_c   133.731
_cell.angle_alpha   90.00
_cell.angle_beta   90.00
_cell.angle_gamma   90.00
#
_symmetry.space_group_name_H-M   'I 4 2 2'
#
loop_
_entity.id
_entity.type
_entity.pdbx_description
1 polymer 'Histone acetyltransferase HTATIP'
2 non-polymer 'ZINC ION'
3 non-polymer 'ACETYL COENZYME *A'
4 water water
#
_entity_poly.entity_id   1
_entity_poly.type   'polypeptide(L)'
_entity_poly.pdbx_seq_one_letter_code
;TRMKNIECIELGRHRLKPWYFSPYPQELTTLPVLYLCEFCLKYGRSLKCLQRHLTKCDLRHPPGNEIYRKGTISFFEIDG
RKNKSYSQNLCLLAKCFLDH(ALY)TLYYDTDPFLFYVMTEYDCKGFHIVGYFSKEKESTEDYNVACILTLPPYQRRGYG
KLLIEFSYELSKVEGKTGTPEKPLSDLGLLSYRSYWSQTILEILMGLKSESGERPQITINEISEITSIKKEDVISTLQYL
NLINYYKGQYILTLSEDIVDGHERAMLKRLLRIDSKCLHFTPKD
;
_entity_poly.pdbx_strand_id   A
#
# COMPACT_ATOMS: atom_id res chain seq x y z
N LYS A 4 -15.89 -6.56 -15.56
CA LYS A 4 -15.68 -7.17 -14.20
C LYS A 4 -16.03 -8.64 -14.28
N ASN A 5 -15.03 -9.49 -14.01
CA ASN A 5 -15.09 -10.92 -14.33
C ASN A 5 -15.21 -11.91 -13.16
N ILE A 6 -14.71 -11.53 -11.98
CA ILE A 6 -14.70 -12.38 -10.79
C ILE A 6 -15.71 -11.89 -9.75
N GLU A 7 -16.64 -12.78 -9.38
CA GLU A 7 -17.69 -12.37 -8.47
C GLU A 7 -17.33 -12.46 -7.00
N CYS A 8 -16.50 -13.43 -6.65
CA CYS A 8 -16.19 -13.65 -5.26
C CYS A 8 -14.79 -14.23 -5.10
N ILE A 9 -14.06 -13.67 -4.15
CA ILE A 9 -12.77 -14.22 -3.71
C ILE A 9 -12.81 -14.61 -2.24
N GLU A 10 -12.30 -15.81 -1.97
CA GLU A 10 -12.05 -16.25 -0.62
C GLU A 10 -10.56 -16.17 -0.31
N LEU A 11 -10.27 -15.40 0.73
CA LEU A 11 -8.91 -15.19 1.16
C LEU A 11 -8.88 -15.38 2.66
N GLY A 12 -8.41 -16.54 3.11
CA GLY A 12 -8.46 -16.89 4.52
C GLY A 12 -9.90 -16.85 5.01
N ARG A 13 -10.14 -16.10 6.09
CA ARG A 13 -11.45 -16.03 6.72
C ARG A 13 -12.41 -15.06 6.01
N HIS A 14 -11.97 -14.42 4.93
CA HIS A 14 -12.78 -13.40 4.29
C HIS A 14 -13.32 -13.80 2.93
N ARG A 15 -14.55 -13.37 2.67
CA ARG A 15 -15.09 -13.27 1.31
C ARG A 15 -14.91 -11.83 0.79
N LEU A 16 -14.33 -11.72 -0.39
CA LEU A 16 -14.04 -10.45 -1.01
C LEU A 16 -14.89 -10.27 -2.26
N LYS A 17 -15.40 -9.06 -2.45
CA LYS A 17 -16.20 -8.74 -3.62
C LYS A 17 -15.44 -7.73 -4.52
N PRO A 18 -14.84 -8.22 -5.62
CA PRO A 18 -14.07 -7.36 -6.51
C PRO A 18 -14.87 -6.19 -7.01
N TRP A 19 -14.20 -5.07 -7.23
CA TRP A 19 -14.85 -3.91 -7.81
C TRP A 19 -14.63 -3.91 -9.31
N TYR A 20 -13.51 -4.51 -9.75
CA TYR A 20 -13.03 -4.41 -11.11
C TYR A 20 -12.60 -5.77 -11.66
N PHE A 21 -12.54 -5.84 -13.00
CA PHE A 21 -11.91 -6.89 -13.75
C PHE A 21 -10.48 -7.10 -13.26
N SER A 22 -10.06 -8.35 -13.15
CA SER A 22 -8.66 -8.72 -13.00
C SER A 22 -8.32 -9.93 -13.90
N PRO A 23 -7.24 -9.82 -14.68
CA PRO A 23 -6.86 -10.81 -15.68
C PRO A 23 -6.28 -12.10 -15.12
N TYR A 24 -7.00 -12.74 -14.19
CA TYR A 24 -6.73 -14.12 -13.81
C TYR A 24 -7.06 -15.03 -15.01
N PRO A 25 -6.47 -16.24 -15.06
CA PRO A 25 -6.80 -17.22 -16.09
C PRO A 25 -8.29 -17.28 -16.33
N GLN A 26 -8.72 -17.23 -17.59
CA GLN A 26 -10.13 -17.10 -17.97
C GLN A 26 -11.04 -18.21 -17.43
N GLU A 27 -10.48 -19.42 -17.28
CA GLU A 27 -11.19 -20.57 -16.72
C GLU A 27 -11.42 -20.46 -15.21
N LEU A 28 -10.85 -19.44 -14.58
CA LEU A 28 -11.05 -19.21 -13.16
C LEU A 28 -11.99 -18.02 -12.90
N THR A 29 -12.44 -17.38 -13.98
CA THR A 29 -13.27 -16.18 -13.87
C THR A 29 -14.76 -16.49 -13.93
N THR A 30 -15.11 -17.73 -14.20
CA THR A 30 -16.52 -18.11 -14.25
C THR A 30 -16.96 -19.00 -13.05
N LEU A 31 -16.22 -18.92 -11.95
CA LEU A 31 -16.48 -19.74 -10.76
C LEU A 31 -17.36 -18.98 -9.77
N PRO A 32 -18.08 -19.72 -8.88
CA PRO A 32 -18.73 -19.01 -7.78
C PRO A 32 -17.72 -18.34 -6.85
N VAL A 33 -16.63 -19.04 -6.53
CA VAL A 33 -15.61 -18.52 -5.64
C VAL A 33 -14.20 -18.80 -6.18
N LEU A 34 -13.36 -17.77 -6.27
CA LEU A 34 -11.95 -17.94 -6.53
C LEU A 34 -11.26 -18.02 -5.20
N TYR A 35 -10.59 -19.15 -4.94
CA TYR A 35 -9.89 -19.39 -3.68
C TYR A 35 -8.44 -18.98 -3.78
N LEU A 36 -7.99 -18.27 -2.74
CA LEU A 36 -6.64 -17.75 -2.69
C LEU A 36 -6.00 -18.23 -1.41
N CYS A 37 -4.75 -18.69 -1.50
CA CYS A 37 -4.00 -18.91 -0.27
C CYS A 37 -3.72 -17.54 0.34
N GLU A 38 -4.04 -17.39 1.61
CA GLU A 38 -3.84 -16.12 2.27
C GLU A 38 -2.39 -15.78 2.56
N PHE A 39 -1.50 -16.77 2.44
CA PHE A 39 -0.05 -16.60 2.70
C PHE A 39 0.79 -16.39 1.45
N CYS A 40 0.53 -17.15 0.40
CA CYS A 40 1.30 -16.97 -0.82
C CYS A 40 0.47 -16.38 -1.97
N LEU A 41 -0.82 -16.18 -1.73
CA LEU A 41 -1.75 -15.54 -2.69
C LEU A 41 -2.00 -16.34 -3.97
N LYS A 42 -1.65 -17.62 -3.89
CA LYS A 42 -1.92 -18.58 -4.96
C LYS A 42 -3.42 -18.72 -5.19
N TYR A 43 -3.83 -18.74 -6.44
CA TYR A 43 -5.24 -18.88 -6.82
C TYR A 43 -5.58 -20.27 -7.40
N GLY A 44 -6.79 -20.74 -7.11
CA GLY A 44 -7.28 -22.00 -7.65
C GLY A 44 -8.80 -22.09 -7.69
N ARG A 45 -9.30 -23.18 -8.25
CA ARG A 45 -10.73 -23.33 -8.56
C ARG A 45 -11.62 -23.92 -7.47
N SER A 46 -11.04 -24.42 -6.38
CA SER A 46 -11.87 -25.08 -5.36
C SER A 46 -11.25 -25.10 -3.97
N LEU A 47 -12.10 -25.24 -2.97
CA LEU A 47 -11.70 -25.33 -1.56
C LEU A 47 -10.80 -26.53 -1.26
N LYS A 48 -11.06 -27.65 -1.94
CA LYS A 48 -10.34 -28.92 -1.74
C LYS A 48 -8.87 -28.83 -2.12
N CYS A 49 -8.60 -28.24 -3.29
CA CYS A 49 -7.25 -27.95 -3.72
C CYS A 49 -6.51 -26.94 -2.85
N LEU A 50 -7.26 -26.08 -2.17
CA LEU A 50 -6.70 -25.06 -1.28
C LEU A 50 -6.22 -25.75 -0.01
N GLN A 51 -7.07 -26.61 0.52
CA GLN A 51 -6.76 -27.38 1.73
C GLN A 51 -5.56 -28.31 1.52
N ARG A 52 -5.49 -28.91 0.34
CA ARG A 52 -4.33 -29.71 -0.04
C ARG A 52 -3.09 -28.80 -0.13
N HIS A 53 -3.26 -27.64 -0.76
CA HIS A 53 -2.19 -26.65 -0.88
C HIS A 53 -1.66 -26.20 0.47
N LEU A 54 -2.57 -25.80 1.37
CA LEU A 54 -2.24 -25.32 2.73
C LEU A 54 -1.41 -26.33 3.52
N THR A 55 -1.46 -27.58 3.08
CA THR A 55 -0.68 -28.67 3.62
C THR A 55 0.81 -28.61 3.20
N LYS A 56 1.07 -28.22 1.96
CA LYS A 56 2.45 -28.05 1.46
C LYS A 56 3.00 -26.62 1.64
N CYS A 57 2.11 -25.63 1.80
CA CYS A 57 2.51 -24.22 1.84
C CYS A 57 3.18 -23.87 3.16
N ASP A 58 4.48 -23.62 3.07
CA ASP A 58 5.30 -23.35 4.25
C ASP A 58 5.01 -21.98 4.88
N LEU A 59 5.07 -20.93 4.04
CA LEU A 59 5.03 -19.51 4.41
C LEU A 59 4.50 -19.12 5.80
N ARG A 60 3.20 -18.92 5.90
CA ARG A 60 2.53 -18.27 7.05
C ARG A 60 2.76 -16.73 7.25
N HIS A 61 3.50 -16.13 6.33
CA HIS A 61 3.68 -14.68 6.23
C HIS A 61 4.13 -14.34 4.81
N PRO A 62 4.20 -13.04 4.46
CA PRO A 62 4.74 -12.66 3.15
C PRO A 62 6.26 -12.91 3.03
N PRO A 63 6.76 -13.14 1.81
CA PRO A 63 8.20 -13.25 1.66
C PRO A 63 8.91 -11.90 1.94
N GLY A 64 10.10 -11.70 1.37
CA GLY A 64 10.91 -10.52 1.66
C GLY A 64 11.35 -10.40 3.11
N ASN A 65 11.85 -9.23 3.52
CA ASN A 65 12.35 -8.99 4.88
C ASN A 65 11.38 -8.19 5.73
N GLU A 66 11.24 -8.58 7.00
CA GLU A 66 10.37 -7.88 7.95
C GLU A 66 11.06 -6.62 8.46
N ILE A 67 10.95 -5.51 7.71
CA ILE A 67 11.74 -4.31 8.01
C ILE A 67 11.14 -3.43 9.13
N TYR A 68 9.96 -3.81 9.61
CA TYR A 68 9.32 -3.05 10.66
C TYR A 68 8.40 -3.94 11.44
N ARG A 69 8.43 -3.78 12.76
CA ARG A 69 7.54 -4.52 13.62
C ARG A 69 7.27 -3.67 14.85
N LYS A 70 6.00 -3.46 15.14
CA LYS A 70 5.58 -2.74 16.32
C LYS A 70 4.23 -3.29 16.76
N GLY A 71 4.23 -4.04 17.85
CA GLY A 71 3.01 -4.71 18.34
C GLY A 71 2.61 -5.77 17.34
N THR A 72 1.31 -5.84 17.04
CA THR A 72 0.82 -6.84 16.08
C THR A 72 0.97 -6.48 14.60
N ILE A 73 1.57 -5.31 14.30
CA ILE A 73 1.70 -4.80 12.94
C ILE A 73 3.11 -4.94 12.44
N SER A 74 3.27 -5.53 11.24
CA SER A 74 4.55 -5.64 10.56
C SER A 74 4.46 -5.10 9.17
N PHE A 75 5.63 -4.72 8.64
CA PHE A 75 5.79 -4.41 7.26
C PHE A 75 6.90 -5.30 6.72
N PHE A 76 6.64 -5.91 5.56
CA PHE A 76 7.60 -6.73 4.88
C PHE A 76 7.98 -6.03 3.60
N GLU A 77 9.29 -5.87 3.39
CA GLU A 77 9.81 -5.35 2.14
C GLU A 77 10.15 -6.47 1.15
N ILE A 78 9.50 -6.43 0.00
CA ILE A 78 9.58 -7.49 -0.97
C ILE A 78 10.05 -6.93 -2.30
N ASP A 79 11.20 -7.41 -2.75
CA ASP A 79 11.71 -7.09 -4.07
C ASP A 79 10.89 -7.84 -5.16
N GLY A 80 10.26 -7.09 -6.06
CA GLY A 80 9.41 -7.69 -7.09
C GLY A 80 10.16 -8.60 -8.05
N ARG A 81 11.49 -8.49 -8.05
CA ARG A 81 12.37 -9.26 -8.92
C ARG A 81 12.80 -10.56 -8.26
N LYS A 82 13.03 -10.50 -6.96
CA LYS A 82 13.48 -11.63 -6.17
C LYS A 82 12.32 -12.55 -5.76
N ASN A 83 11.12 -12.00 -5.68
CA ASN A 83 9.95 -12.77 -5.28
C ASN A 83 8.82 -12.62 -6.30
N LYS A 84 9.04 -13.10 -7.51
CA LYS A 84 8.15 -12.81 -8.65
C LYS A 84 6.72 -13.37 -8.57
N SER A 85 6.57 -14.61 -8.13
CA SER A 85 5.24 -15.20 -8.18
C SER A 85 4.36 -14.64 -7.07
N TYR A 86 4.91 -14.41 -5.88
CA TYR A 86 4.15 -13.73 -4.83
C TYR A 86 3.69 -12.33 -5.27
N SER A 87 4.62 -11.54 -5.80
CA SER A 87 4.33 -10.17 -6.25
C SER A 87 3.35 -10.14 -7.41
N GLN A 88 3.46 -11.14 -8.28
CA GLN A 88 2.56 -11.29 -9.42
C GLN A 88 1.15 -11.65 -8.96
N ASN A 89 1.06 -12.46 -7.92
CA ASN A 89 -0.21 -12.85 -7.29
C ASN A 89 -0.88 -11.69 -6.53
N LEU A 90 -0.06 -10.91 -5.83
CA LEU A 90 -0.46 -9.68 -5.17
C LEU A 90 -1.04 -8.70 -6.17
N CYS A 91 -0.40 -8.54 -7.31
CA CYS A 91 -0.89 -7.58 -8.30
C CYS A 91 -2.24 -7.97 -8.93
N LEU A 92 -2.46 -9.27 -9.08
CA LEU A 92 -3.71 -9.80 -9.60
C LEU A 92 -4.86 -9.53 -8.65
N LEU A 93 -4.63 -9.76 -7.36
CA LEU A 93 -5.58 -9.41 -6.33
C LEU A 93 -5.82 -7.89 -6.29
N ALA A 94 -4.75 -7.11 -6.39
CA ALA A 94 -4.85 -5.66 -6.24
C ALA A 94 -5.73 -5.06 -7.34
N LYS A 95 -5.51 -5.53 -8.57
CA LYS A 95 -6.30 -5.14 -9.74
C LYS A 95 -7.80 -5.37 -9.56
N CYS A 96 -8.21 -6.29 -8.69
CA CYS A 96 -9.64 -6.41 -8.38
C CYS A 96 -10.23 -5.13 -7.76
N PHE A 97 -9.36 -4.29 -7.19
CA PHE A 97 -9.75 -3.07 -6.49
C PHE A 97 -9.11 -1.81 -7.07
N LEU A 98 -8.45 -1.98 -8.21
CA LEU A 98 -7.89 -0.86 -8.97
C LEU A 98 -8.46 -0.77 -10.39
N ASP A 99 -8.78 0.44 -10.81
CA ASP A 99 -9.32 0.79 -12.11
C ASP A 99 -8.39 0.34 -13.25
N HIS A 100 -7.09 0.61 -13.09
CA HIS A 100 -6.04 0.16 -13.96
C HIS A 100 -4.86 -0.27 -13.07
N THR A 102 -1.06 -0.71 -14.44
CA THR A 102 -0.06 -0.76 -15.50
C THR A 102 1.12 -1.68 -15.16
N LEU A 103 1.43 -2.57 -16.09
CA LEU A 103 2.55 -3.53 -15.94
C LEU A 103 2.31 -4.57 -14.84
N TYR A 104 1.05 -4.96 -14.66
CA TYR A 104 0.66 -5.90 -13.57
C TYR A 104 1.48 -7.19 -13.61
N TYR A 105 1.86 -7.59 -14.83
CA TYR A 105 2.52 -8.87 -15.08
C TYR A 105 4.02 -8.83 -14.85
N ASP A 106 4.61 -7.63 -14.85
CA ASP A 106 6.03 -7.50 -14.63
C ASP A 106 6.36 -6.81 -13.31
N THR A 107 6.71 -7.60 -12.31
CA THR A 107 6.94 -7.08 -10.99
C THR A 107 8.40 -6.61 -10.73
N ASP A 108 9.31 -6.90 -11.68
CA ASP A 108 10.73 -6.50 -11.61
C ASP A 108 11.00 -5.03 -11.21
N PRO A 109 10.30 -4.05 -11.83
CA PRO A 109 10.55 -2.63 -11.51
C PRO A 109 10.15 -2.14 -10.10
N PHE A 110 9.55 -3.00 -9.28
CA PHE A 110 8.87 -2.53 -8.07
C PHE A 110 9.37 -3.15 -6.78
N LEU A 111 9.33 -2.37 -5.71
CA LEU A 111 9.32 -2.90 -4.36
C LEU A 111 7.87 -2.87 -3.86
N PHE A 112 7.57 -3.78 -2.93
CA PHE A 112 6.24 -3.96 -2.38
C PHE A 112 6.37 -3.95 -0.89
N TYR A 113 5.52 -3.17 -0.22
CA TYR A 113 5.54 -3.06 1.24
C TYR A 113 4.19 -3.54 1.73
N VAL A 114 4.23 -4.75 2.29
CA VAL A 114 3.03 -5.48 2.67
C VAL A 114 2.86 -5.38 4.17
N MET A 115 1.69 -4.91 4.59
CA MET A 115 1.43 -4.69 5.99
C MET A 115 0.53 -5.82 6.47
N THR A 116 0.89 -6.41 7.61
CA THR A 116 0.16 -7.52 8.22
C THR A 116 -0.32 -7.23 9.65
N GLU A 117 -1.35 -7.96 10.07
CA GLU A 117 -1.82 -8.01 11.46
C GLU A 117 -1.52 -9.42 11.91
N TYR A 118 -0.89 -9.53 13.07
CA TYR A 118 -0.48 -10.83 13.59
C TYR A 118 -1.45 -11.29 14.68
N ASP A 119 -1.86 -12.55 14.59
CA ASP A 119 -2.50 -13.24 15.72
C ASP A 119 -2.00 -14.69 15.80
N CYS A 120 -2.60 -15.51 16.66
CA CYS A 120 -2.15 -16.90 16.84
C CYS A 120 -2.26 -17.77 15.60
N LYS A 121 -2.95 -17.28 14.58
CA LYS A 121 -3.06 -18.03 13.33
C LYS A 121 -2.07 -17.59 12.26
N GLY A 122 -1.32 -16.51 12.50
CA GLY A 122 -0.31 -16.06 11.52
C GLY A 122 -0.33 -14.58 11.26
N PHE A 123 0.41 -14.17 10.24
CA PHE A 123 0.51 -12.78 9.81
C PHE A 123 -0.49 -12.55 8.67
N HIS A 124 -1.52 -11.77 8.92
CA HIS A 124 -2.59 -11.64 7.94
C HIS A 124 -2.40 -10.37 7.13
N ILE A 125 -2.34 -10.52 5.80
CA ILE A 125 -2.20 -9.38 4.91
C ILE A 125 -3.39 -8.43 5.11
N VAL A 126 -3.09 -7.17 5.43
CA VAL A 126 -4.10 -6.12 5.59
C VAL A 126 -4.14 -5.17 4.37
N GLY A 127 -2.95 -4.78 3.89
CA GLY A 127 -2.86 -3.98 2.68
C GLY A 127 -1.42 -3.88 2.29
N TYR A 128 -1.12 -3.04 1.29
CA TYR A 128 0.26 -2.85 0.86
C TYR A 128 0.38 -1.56 0.05
N PHE A 129 1.60 -1.12 -0.18
CA PHE A 129 1.83 -0.17 -1.26
C PHE A 129 3.03 -0.64 -2.06
N SER A 130 3.01 -0.39 -3.37
CA SER A 130 4.20 -0.54 -4.16
C SER A 130 4.90 0.79 -4.42
N LYS A 131 6.10 0.67 -4.97
CA LYS A 131 7.01 1.79 -5.19
C LYS A 131 7.91 1.40 -6.33
N GLU A 132 8.02 2.24 -7.37
CA GLU A 132 9.10 2.07 -8.37
C GLU A 132 10.50 2.11 -7.71
N LYS A 133 11.38 1.20 -8.13
CA LYS A 133 12.80 1.24 -7.76
C LYS A 133 13.48 2.52 -8.29
N GLU A 134 13.09 2.94 -9.49
CA GLU A 134 13.60 4.16 -10.11
C GLU A 134 12.43 5.00 -10.62
N SER A 135 12.26 6.20 -10.07
CA SER A 135 11.22 7.13 -10.53
C SER A 135 11.75 8.52 -10.87
N THR A 136 11.59 8.89 -12.14
CA THR A 136 11.92 10.23 -12.64
C THR A 136 10.94 11.29 -12.13
N GLU A 137 9.81 10.84 -11.59
CA GLU A 137 8.77 11.75 -11.13
C GLU A 137 8.73 11.83 -9.59
N ASP A 138 9.72 11.22 -8.92
CA ASP A 138 9.76 11.15 -7.44
C ASP A 138 8.51 10.54 -6.77
N TYR A 139 7.90 9.57 -7.43
CA TYR A 139 6.73 8.88 -6.91
C TYR A 139 7.15 7.89 -5.84
N ASN A 140 6.77 8.15 -4.59
CA ASN A 140 7.15 7.27 -3.48
C ASN A 140 6.12 6.16 -3.23
N VAL A 141 5.02 6.20 -3.97
CA VAL A 141 3.98 5.16 -3.95
C VAL A 141 3.49 5.08 -5.37
N ALA A 142 3.40 3.86 -5.90
CA ALA A 142 2.79 3.60 -7.18
C ALA A 142 1.34 3.16 -7.01
N CYS A 143 1.10 2.03 -6.33
CA CYS A 143 -0.25 1.63 -5.90
C CYS A 143 -0.31 1.42 -4.42
N ILE A 144 -1.46 1.76 -3.85
CA ILE A 144 -1.71 1.57 -2.44
C ILE A 144 -3.09 0.91 -2.27
N LEU A 145 -3.18 -0.03 -1.33
CA LEU A 145 -4.41 -0.76 -1.13
C LEU A 145 -4.62 -1.21 0.31
N THR A 146 -5.82 -0.96 0.85
CA THR A 146 -6.30 -1.67 2.03
C THR A 146 -7.37 -2.63 1.55
N LEU A 147 -7.22 -3.90 1.86
CA LEU A 147 -8.27 -4.87 1.55
C LEU A 147 -9.59 -4.48 2.23
N PRO A 148 -10.73 -4.62 1.51
CA PRO A 148 -12.02 -4.18 2.04
C PRO A 148 -12.39 -4.52 3.49
N PRO A 149 -12.15 -5.77 3.96
CA PRO A 149 -12.52 -6.07 5.35
C PRO A 149 -11.81 -5.19 6.42
N TYR A 150 -10.73 -4.50 6.04
CA TYR A 150 -9.90 -3.70 6.96
C TYR A 150 -10.02 -2.18 6.70
N GLN A 151 -10.84 -1.82 5.72
CA GLN A 151 -10.97 -0.41 5.30
C GLN A 151 -11.71 0.41 6.34
N ARG A 152 -11.51 1.73 6.31
CA ARG A 152 -12.15 2.67 7.23
C ARG A 152 -11.73 2.50 8.69
N ARG A 153 -10.48 2.10 8.91
CA ARG A 153 -9.98 1.80 10.25
C ARG A 153 -8.64 2.48 10.57
N GLY A 154 -8.11 3.26 9.63
CA GLY A 154 -6.81 3.91 9.83
C GLY A 154 -5.64 3.22 9.18
N TYR A 155 -5.86 2.06 8.57
CA TYR A 155 -4.77 1.30 7.96
C TYR A 155 -4.19 2.00 6.71
N GLY A 156 -5.05 2.57 5.87
CA GLY A 156 -4.62 3.32 4.69
C GLY A 156 -3.69 4.48 5.02
N LYS A 157 -4.07 5.30 5.98
CA LYS A 157 -3.21 6.34 6.53
C LYS A 157 -1.90 5.82 7.15
N LEU A 158 -1.96 4.66 7.78
CA LEU A 158 -0.74 4.01 8.26
C LEU A 158 0.22 3.62 7.12
N LEU A 159 -0.34 3.09 6.03
CA LEU A 159 0.46 2.73 4.85
C LEU A 159 1.12 3.97 4.24
N ILE A 160 0.35 5.05 4.10
CA ILE A 160 0.86 6.34 3.59
C ILE A 160 1.98 6.87 4.48
N GLU A 161 1.77 6.85 5.80
CA GLU A 161 2.77 7.34 6.74
C GLU A 161 4.08 6.58 6.55
N PHE A 162 4.00 5.25 6.56
CA PHE A 162 5.16 4.41 6.27
C PHE A 162 5.83 4.76 4.94
N SER A 163 5.06 5.04 3.89
CA SER A 163 5.66 5.49 2.62
C SER A 163 6.53 6.74 2.75
N TYR A 164 6.14 7.64 3.66
CA TYR A 164 6.86 8.90 3.88
C TYR A 164 8.08 8.72 4.78
N GLU A 165 7.98 7.78 5.75
CA GLU A 165 9.14 7.34 6.53
C GLU A 165 10.28 6.77 5.69
N LEU A 166 9.93 6.06 4.61
CA LEU A 166 10.92 5.58 3.67
C LEU A 166 11.59 6.74 2.92
N SER A 167 10.81 7.71 2.45
CA SER A 167 11.34 8.90 1.78
C SER A 167 12.27 9.71 2.70
N LYS A 168 11.89 9.84 3.97
CA LYS A 168 12.70 10.53 4.96
C LYS A 168 14.09 9.95 5.05
N VAL A 169 14.19 8.62 5.13
CA VAL A 169 15.48 7.90 5.26
C VAL A 169 16.32 8.09 4.01
N GLU A 170 15.67 8.06 2.86
CA GLU A 170 16.30 8.36 1.58
C GLU A 170 16.72 9.85 1.44
N GLY A 171 16.36 10.69 2.42
CA GLY A 171 16.54 12.15 2.35
C GLY A 171 15.85 12.83 1.17
N LYS A 172 14.69 12.31 0.75
CA LYS A 172 13.97 12.84 -0.41
C LYS A 172 12.55 13.25 -0.04
N THR A 173 11.93 14.08 -0.89
CA THR A 173 10.50 14.25 -0.87
C THR A 173 9.91 13.26 -1.88
N GLY A 174 8.70 12.81 -1.62
CA GLY A 174 8.02 11.94 -2.57
C GLY A 174 6.57 12.33 -2.66
N THR A 175 5.90 11.75 -3.66
CA THR A 175 4.47 11.94 -3.85
C THR A 175 3.86 10.69 -4.50
N PRO A 176 2.58 10.39 -4.21
CA PRO A 176 1.96 9.26 -4.93
C PRO A 176 1.93 9.43 -6.44
N GLU A 177 2.07 8.33 -7.17
CA GLU A 177 1.84 8.34 -8.63
C GLU A 177 0.44 8.88 -9.00
N LYS A 178 0.41 9.68 -10.07
CA LYS A 178 -0.81 10.30 -10.59
C LYS A 178 -1.22 9.59 -11.86
N PRO A 179 -2.54 9.52 -12.14
CA PRO A 179 -3.64 10.11 -11.36
C PRO A 179 -3.94 9.34 -10.07
N LEU A 180 -4.31 10.07 -9.03
CA LEU A 180 -4.88 9.46 -7.82
C LEU A 180 -6.35 9.12 -8.05
N SER A 181 -6.76 7.92 -7.66
CA SER A 181 -8.18 7.61 -7.57
C SER A 181 -8.77 8.53 -6.48
N ASP A 182 -10.09 8.67 -6.49
CA ASP A 182 -10.78 9.53 -5.54
C ASP A 182 -10.60 9.06 -4.11
N LEU A 183 -10.59 7.73 -3.91
CA LEU A 183 -10.24 7.12 -2.62
C LEU A 183 -8.78 7.39 -2.19
N GLY A 184 -7.86 7.33 -3.14
CA GLY A 184 -6.49 7.76 -2.92
C GLY A 184 -6.39 9.21 -2.48
N LEU A 185 -7.07 10.11 -3.21
CA LEU A 185 -7.04 11.54 -2.83
C LEU A 185 -7.66 11.83 -1.45
N LEU A 186 -8.81 11.23 -1.15
CA LEU A 186 -9.43 11.36 0.18
C LEU A 186 -8.51 10.94 1.30
N SER A 187 -7.79 9.82 1.09
CA SER A 187 -6.80 9.33 2.06
C SER A 187 -5.59 10.21 2.20
N TYR A 188 -4.99 10.62 1.08
CA TYR A 188 -3.82 11.51 1.12
C TYR A 188 -4.17 12.86 1.71
N ARG A 189 -5.29 13.45 1.29
CA ARG A 189 -5.75 14.73 1.82
C ARG A 189 -5.83 14.69 3.34
N SER A 190 -6.38 13.60 3.85
CA SER A 190 -6.54 13.40 5.29
C SER A 190 -5.20 13.19 5.99
N TYR A 191 -4.31 12.42 5.38
CA TYR A 191 -2.99 12.27 5.97
C TYR A 191 -2.20 13.57 5.93
N TRP A 192 -2.20 14.26 4.78
CA TRP A 192 -1.49 15.54 4.65
C TRP A 192 -2.01 16.58 5.66
N SER A 193 -3.33 16.74 5.73
CA SER A 193 -4.00 17.62 6.73
C SER A 193 -3.59 17.36 8.16
N GLN A 194 -3.64 16.11 8.60
CA GLN A 194 -3.28 15.76 9.98
C GLN A 194 -1.81 15.98 10.28
N THR A 195 -0.96 15.71 9.29
CA THR A 195 0.47 15.92 9.41
C THR A 195 0.80 17.41 9.57
N ILE A 196 0.22 18.25 8.71
CA ILE A 196 0.49 19.69 8.69
C ILE A 196 -0.07 20.40 9.92
N LEU A 197 -1.29 20.05 10.34
CA LEU A 197 -1.88 20.58 11.58
C LEU A 197 -1.08 20.19 12.82
N GLU A 198 -0.53 19.00 12.79
CA GLU A 198 0.35 18.48 13.84
C GLU A 198 1.61 19.33 13.96
N ILE A 199 2.14 19.80 12.81
CA ILE A 199 3.26 20.77 12.79
C ILE A 199 2.84 22.08 13.49
N LEU A 200 1.68 22.63 13.10
CA LEU A 200 1.01 23.69 13.89
C LEU A 200 0.62 23.23 15.30
N GLN A 212 5.25 30.51 13.42
CA GLN A 212 5.37 30.61 11.95
C GLN A 212 6.38 29.61 11.33
N ILE A 213 5.99 29.02 10.20
CA ILE A 213 6.85 28.08 9.43
C ILE A 213 6.63 28.24 7.91
N THR A 214 7.68 28.07 7.11
CA THR A 214 7.54 28.08 5.63
C THR A 214 7.16 26.69 5.10
N ILE A 215 6.47 26.65 3.95
CA ILE A 215 6.19 25.37 3.29
C ILE A 215 7.45 24.58 2.87
N ASN A 216 8.56 25.26 2.58
CA ASN A 216 9.86 24.61 2.35
C ASN A 216 10.31 23.78 3.55
N GLU A 217 10.12 24.34 4.75
CA GLU A 217 10.44 23.68 6.01
C GLU A 217 9.48 22.54 6.32
N ILE A 218 8.20 22.73 6.01
CA ILE A 218 7.20 21.67 6.16
C ILE A 218 7.61 20.47 5.29
N SER A 219 7.96 20.75 4.05
CA SER A 219 8.37 19.76 3.05
C SER A 219 9.63 18.98 3.47
N GLU A 220 10.66 19.70 3.95
CA GLU A 220 11.89 19.09 4.51
C GLU A 220 11.66 18.14 5.73
N ILE A 221 10.77 18.55 6.64
CA ILE A 221 10.42 17.75 7.84
C ILE A 221 9.57 16.48 7.52
N THR A 222 8.69 16.58 6.52
CA THR A 222 7.66 15.54 6.31
C THR A 222 7.90 14.66 5.08
N SER A 223 8.78 15.12 4.21
CA SER A 223 9.06 14.49 2.92
C SER A 223 7.89 14.61 1.94
N ILE A 224 6.93 15.46 2.27
CA ILE A 224 5.80 15.81 1.40
C ILE A 224 6.20 16.86 0.36
N LYS A 225 5.85 16.66 -0.90
CA LYS A 225 6.12 17.65 -1.96
C LYS A 225 5.40 18.97 -1.66
N LYS A 226 6.02 20.07 -2.07
CA LYS A 226 5.50 21.38 -1.74
C LYS A 226 4.13 21.58 -2.38
N GLU A 227 3.96 21.10 -3.61
CA GLU A 227 2.68 21.23 -4.30
C GLU A 227 1.54 20.52 -3.56
N ASP A 228 1.87 19.44 -2.83
CA ASP A 228 0.89 18.70 -2.04
C ASP A 228 0.57 19.42 -0.73
N VAL A 229 1.58 20.00 -0.10
CA VAL A 229 1.35 20.88 1.04
C VAL A 229 0.48 22.07 0.65
N ILE A 230 0.74 22.65 -0.53
CA ILE A 230 -0.05 23.80 -1.00
C ILE A 230 -1.50 23.42 -1.31
N SER A 231 -1.72 22.32 -2.04
CA SER A 231 -3.10 21.93 -2.32
C SER A 231 -3.87 21.61 -1.02
N THR A 232 -3.12 21.23 0.03
CA THR A 232 -3.71 20.88 1.31
C THR A 232 -4.07 22.13 2.10
N LEU A 233 -3.17 23.10 2.17
CA LEU A 233 -3.47 24.39 2.81
C LEU A 233 -4.61 25.12 2.09
N GLN A 234 -4.65 25.02 0.77
CA GLN A 234 -5.79 25.48 -0.01
C GLN A 234 -7.11 24.82 0.47
N TYR A 235 -7.10 23.49 0.55
CA TYR A 235 -8.21 22.71 1.09
C TYR A 235 -8.57 23.09 2.53
N LEU A 236 -7.58 23.39 3.36
CA LEU A 236 -7.80 23.76 4.76
C LEU A 236 -8.07 25.26 4.98
N ASN A 237 -8.19 26.01 3.88
CA ASN A 237 -8.30 27.48 3.93
C ASN A 237 -7.21 28.13 4.79
N LEU A 238 -5.98 27.63 4.67
CA LEU A 238 -4.84 28.16 5.42
C LEU A 238 -3.76 28.78 4.52
N ILE A 239 -4.16 29.18 3.33
CA ILE A 239 -3.24 29.83 2.37
C ILE A 239 -2.88 31.24 2.81
N ASN A 240 -1.57 31.49 2.86
CA ASN A 240 -1.04 32.79 3.21
C ASN A 240 0.21 33.03 2.38
N TYR A 241 0.06 33.83 1.34
CA TYR A 241 1.15 34.11 0.42
C TYR A 241 1.80 35.47 0.75
N TYR A 242 2.98 35.40 1.37
CA TYR A 242 3.69 36.57 1.87
C TYR A 242 5.08 36.75 1.22
N LYS A 243 5.18 37.74 0.33
CA LYS A 243 6.44 38.17 -0.27
C LYS A 243 7.07 37.05 -1.08
N GLY A 244 6.25 36.46 -1.96
CA GLY A 244 6.65 35.38 -2.84
C GLY A 244 6.58 33.98 -2.27
N GLN A 245 6.08 33.85 -1.03
CA GLN A 245 6.29 32.65 -0.25
C GLN A 245 5.03 32.24 0.53
N TYR A 246 4.69 30.95 0.46
CA TYR A 246 3.61 30.37 1.27
C TYR A 246 4.06 30.17 2.72
N ILE A 247 3.31 30.78 3.63
CA ILE A 247 3.67 30.90 5.04
C ILE A 247 2.52 30.35 5.91
N LEU A 248 2.85 29.64 6.99
CA LEU A 248 1.82 29.22 7.96
C LEU A 248 1.93 29.97 9.29
N LEU A 267 -2.70 4.55 15.82
CA LEU A 267 -1.86 3.95 14.78
C LEU A 267 -0.85 4.96 14.24
N ARG A 268 0.40 4.78 14.63
CA ARG A 268 1.50 5.62 14.19
C ARG A 268 2.70 4.73 13.93
N ILE A 269 3.58 5.19 13.04
CA ILE A 269 4.86 4.53 12.80
C ILE A 269 5.92 5.11 13.76
N ASP A 270 6.49 4.24 14.57
CA ASP A 270 7.67 4.58 15.37
C ASP A 270 8.91 4.30 14.54
N SER A 271 9.62 5.36 14.14
CA SER A 271 10.73 5.21 13.19
C SER A 271 11.95 4.51 13.78
N LYS A 272 11.96 4.29 15.10
CA LYS A 272 13.04 3.55 15.76
C LYS A 272 12.95 2.06 15.45
N CYS A 273 11.73 1.60 15.17
CA CYS A 273 11.50 0.20 14.80
C CYS A 273 11.68 -0.10 13.32
N LEU A 274 11.97 0.93 12.52
CA LEU A 274 12.18 0.77 11.07
C LEU A 274 13.62 0.43 10.74
N HIS A 275 13.82 -0.62 9.96
CA HIS A 275 15.16 -1.04 9.60
C HIS A 275 15.28 -1.14 8.09
N PHE A 276 15.43 0.02 7.47
CA PHE A 276 15.36 0.17 6.03
C PHE A 276 16.64 0.78 5.48
N THR A 277 17.15 0.16 4.42
CA THR A 277 18.36 0.60 3.78
C THR A 277 18.02 0.82 2.31
N PRO A 278 18.02 2.10 1.86
CA PRO A 278 17.78 2.45 0.45
C PRO A 278 18.83 1.88 -0.51
#